data_6GIE
#
_entry.id   6GIE
#
_cell.length_a   69.680
_cell.length_b   73.740
_cell.length_c   53.030
_cell.angle_alpha   90.00
_cell.angle_beta   90.00
_cell.angle_gamma   90.00
#
_symmetry.space_group_name_H-M   'P 21 21 2'
#
loop_
_entity.id
_entity.type
_entity.pdbx_description
1 polymer '33-36 kDa outer membrane protein'
2 non-polymer (HYDROXYETHYLOXY)TRI(ETHYLOXY)OCTANE
3 water water
#
_entity_poly.entity_id   1
_entity_poly.type   'polypeptide(L)'
_entity_poly.pdbx_seq_one_letter_code
;ANVRLQHHHHHHHENLYFQGLEYQFEVQGQSEYVDTTANDKNFTGTAQGTYYFKNVDASKGPLAEAAFLNQASNVSVAYN
YIKYDEKDTVNVESHTYGVKGEAYLPTPYLPVYASASYNHTINDFKDGVSDDNGDRYALEAGAMLLPNFLVAVGYTSVAD
QISLDAFGVNKYGIAKAVGESVAIDEKQDAVTARTKYVGNIDGTNMAIGFEAFGVFAEDNAYGMKTDLFVTPKLSVGASF
ADVSAFNSGYDHVWGGHTQYFITPAVAVGADFVKANAKDGNPRDTQTIGLNAKFRF
;
_entity_poly.pdbx_strand_id   A
#
# COMPACT_ATOMS: atom_id res chain seq x y z
N GLN A 19 -6.09 13.11 19.43
CA GLN A 19 -6.34 11.63 19.54
C GLN A 19 -5.85 10.94 18.25
N GLY A 20 -6.31 11.44 17.10
CA GLY A 20 -6.04 10.82 15.81
C GLY A 20 -7.12 9.87 15.22
N LEU A 21 -8.24 9.62 15.93
CA LEU A 21 -9.37 8.79 15.43
C LEU A 21 -10.15 9.42 14.27
N GLU A 22 -10.22 10.75 14.26
CA GLU A 22 -10.62 11.57 13.12
C GLU A 22 -9.37 12.31 12.62
N TYR A 23 -8.92 12.07 11.40
CA TYR A 23 -7.77 12.81 10.86
C TYR A 23 -7.99 13.16 9.38
N GLN A 24 -7.25 14.16 8.92
CA GLN A 24 -7.16 14.50 7.48
C GLN A 24 -5.73 14.41 6.85
N PHE A 25 -4.73 14.20 7.68
CA PHE A 25 -3.36 14.05 7.18
C PHE A 25 -2.65 12.91 7.81
N GLU A 26 -1.75 12.32 7.04
CA GLU A 26 -0.96 11.22 7.55
C GLU A 26 0.42 11.41 6.99
N VAL A 27 1.42 11.34 7.85
CA VAL A 27 2.78 11.32 7.34
C VAL A 27 3.41 10.05 7.76
N GLN A 28 4.29 9.56 6.90
CA GLN A 28 4.87 8.28 7.10
C GLN A 28 6.29 8.30 6.67
N GLY A 29 7.14 7.66 7.48
CA GLY A 29 8.56 7.46 7.22
C GLY A 29 8.98 6.00 7.32
N GLN A 30 10.05 5.66 6.61
CA GLN A 30 10.50 4.30 6.50
C GLN A 30 11.94 4.23 6.06
N SER A 31 12.72 3.41 6.76
CA SER A 31 14.09 3.13 6.43
C SER A 31 14.27 1.64 6.25
N GLU A 32 15.18 1.28 5.35
CA GLU A 32 15.41 -0.11 5.05
C GLU A 32 16.85 -0.38 4.68
N TYR A 33 17.30 -1.55 5.10
CA TYR A 33 18.60 -2.06 4.73
C TYR A 33 18.44 -3.38 3.97
N VAL A 34 19.19 -3.45 2.88
CA VAL A 34 19.04 -4.47 1.85
C VAL A 34 20.40 -5.18 1.76
N ASP A 35 20.45 -6.43 2.17
CA ASP A 35 21.70 -7.20 2.17
C ASP A 35 21.66 -8.27 1.05
N THR A 36 22.76 -8.43 0.30
CA THR A 36 22.80 -9.34 -0.88
C THR A 36 23.94 -10.34 -0.84
N ASN A 42 21.86 -0.62 -0.95
CA ASN A 42 21.93 -1.12 0.42
C ASN A 42 21.02 -0.34 1.38
N PHE A 43 21.10 0.98 1.41
CA PHE A 43 20.17 1.80 2.20
C PHE A 43 19.01 2.41 1.40
N THR A 44 17.84 2.47 2.01
CA THR A 44 16.63 3.00 1.41
C THR A 44 15.88 3.83 2.44
N GLY A 45 15.35 4.99 2.02
CA GLY A 45 14.45 5.79 2.84
C GLY A 45 13.26 6.31 2.03
N THR A 46 12.08 6.37 2.66
CA THR A 46 10.84 6.86 2.06
C THR A 46 10.10 7.70 3.10
N ALA A 47 9.73 8.90 2.67
CA ALA A 47 8.85 9.80 3.38
C ALA A 47 7.66 10.05 2.41
N GLN A 48 6.44 10.08 2.94
CA GLN A 48 5.28 10.40 2.18
C GLN A 48 4.27 11.11 3.00
N GLY A 49 3.53 11.94 2.29
CA GLY A 49 2.49 12.75 2.92
C GLY A 49 1.17 12.51 2.24
N THR A 50 0.11 12.36 3.00
CA THR A 50 -1.20 12.25 2.44
C THR A 50 -2.25 13.27 2.96
N TYR A 51 -2.97 13.86 2.05
CA TYR A 51 -4.10 14.72 2.40
C TYR A 51 -5.43 14.10 1.94
N TYR A 52 -6.31 13.83 2.90
CA TYR A 52 -7.62 13.28 2.62
C TYR A 52 -8.58 14.42 2.49
N PHE A 53 -9.44 14.33 1.47
CA PHE A 53 -10.30 15.48 1.16
C PHE A 53 -11.35 15.58 2.23
N LYS A 54 -11.65 14.50 2.90
CA LYS A 54 -12.64 14.56 3.96
C LYS A 54 -12.00 13.93 5.20
N ASN A 55 -12.50 14.32 6.37
CA ASN A 55 -12.20 13.71 7.63
C ASN A 55 -12.32 12.19 7.50
N VAL A 56 -11.27 11.48 7.94
CA VAL A 56 -11.29 10.03 8.00
C VAL A 56 -11.61 9.56 9.41
N ASP A 57 -12.65 8.76 9.52
CA ASP A 57 -13.12 8.18 10.80
C ASP A 57 -12.63 6.73 10.97
N ALA A 58 -11.64 6.55 11.84
CA ALA A 58 -10.94 5.27 12.06
C ALA A 58 -11.51 4.37 13.17
N SER A 59 -12.64 4.72 13.75
CA SER A 59 -13.28 3.87 14.75
C SER A 59 -14.21 2.79 14.22
N LYS A 60 -14.26 2.54 12.91
CA LYS A 60 -15.16 1.47 12.42
C LYS A 60 -14.46 0.16 12.03
N GLY A 61 -13.16 0.05 12.27
CA GLY A 61 -12.42 -1.20 12.01
C GLY A 61 -10.93 -1.08 12.27
N PRO A 62 -10.13 -1.96 11.70
CA PRO A 62 -8.67 -1.78 11.94
C PRO A 62 -8.15 -0.36 11.56
N LEU A 63 -7.34 0.26 12.43
CA LEU A 63 -6.94 1.67 12.21
C LEU A 63 -6.08 1.75 10.97
N ALA A 64 -5.26 0.72 10.71
CA ALA A 64 -4.40 0.84 9.51
C ALA A 64 -5.18 1.08 8.20
N GLU A 65 -6.45 0.60 8.13
CA GLU A 65 -7.19 0.59 6.89
C GLU A 65 -8.35 1.57 6.91
N ALA A 66 -8.27 2.56 7.77
CA ALA A 66 -9.39 3.50 7.96
C ALA A 66 -9.67 4.30 6.69
N ALA A 67 -8.62 4.62 5.90
CA ALA A 67 -8.85 5.46 4.67
C ALA A 67 -9.68 4.64 3.65
N PHE A 68 -9.20 3.44 3.40
CA PHE A 68 -9.98 2.49 2.59
C PHE A 68 -11.42 2.22 3.09
N LEU A 69 -11.57 1.98 4.36
CA LEU A 69 -12.90 1.76 4.89
C LEU A 69 -13.79 2.99 4.83
N ASN A 70 -13.29 4.21 4.88
CA ASN A 70 -14.25 5.19 4.56
C ASN A 70 -14.18 5.79 3.13
N GLN A 71 -13.51 5.06 2.22
CA GLN A 71 -13.44 5.42 0.81
C GLN A 71 -13.00 6.85 0.73
N ALA A 72 -11.88 7.13 1.37
CA ALA A 72 -11.40 8.50 1.49
C ALA A 72 -10.53 8.86 0.28
N SER A 73 -11.11 9.65 -0.62
CA SER A 73 -10.33 10.31 -1.68
C SER A 73 -9.20 11.19 -1.07
N ASN A 74 -8.13 11.31 -1.84
CA ASN A 74 -6.95 11.96 -1.43
C ASN A 74 -5.88 12.17 -2.53
N VAL A 75 -4.88 12.97 -2.15
CA VAL A 75 -3.70 13.07 -2.91
C VAL A 75 -2.57 12.90 -1.94
N SER A 76 -1.46 12.43 -2.51
CA SER A 76 -0.34 11.97 -1.82
C SER A 76 0.92 12.40 -2.53
N VAL A 77 1.98 12.73 -1.77
CA VAL A 77 3.25 12.95 -2.36
C VAL A 77 4.28 12.08 -1.65
N ALA A 78 5.35 11.70 -2.35
CA ALA A 78 6.36 10.88 -1.73
C ALA A 78 7.72 11.22 -2.28
N TYR A 79 8.73 10.89 -1.49
CA TYR A 79 10.13 10.91 -1.87
C TYR A 79 10.83 9.59 -1.43
N ASN A 80 11.71 9.08 -2.31
CA ASN A 80 12.39 7.85 -2.06
C ASN A 80 13.86 8.00 -2.42
N TYR A 81 14.70 7.37 -1.60
CA TYR A 81 16.14 7.52 -1.67
C TYR A 81 16.76 6.11 -1.66
N ILE A 82 17.73 5.87 -2.54
CA ILE A 82 18.47 4.63 -2.51
C ILE A 82 19.92 4.93 -2.67
N LYS A 83 20.71 4.44 -1.70
CA LYS A 83 22.16 4.70 -1.60
C LYS A 83 22.98 3.39 -1.68
N TYR A 84 23.71 3.22 -2.78
CA TYR A 84 24.89 2.30 -2.91
C TYR A 84 24.61 1.24 -3.97
N GLU A 93 22.56 7.93 -4.40
CA GLU A 93 22.72 7.26 -5.68
C GLU A 93 21.46 7.24 -6.54
N SER A 94 20.29 7.29 -5.92
CA SER A 94 19.06 7.41 -6.71
C SER A 94 17.92 8.04 -5.86
N HIS A 95 17.21 9.00 -6.45
CA HIS A 95 16.18 9.76 -5.76
C HIS A 95 14.91 9.62 -6.58
N THR A 96 13.77 9.41 -5.94
CA THR A 96 12.49 9.38 -6.69
C THR A 96 11.43 10.23 -5.98
N TYR A 97 10.73 11.05 -6.76
CA TYR A 97 9.67 11.94 -6.31
C TYR A 97 8.41 11.46 -6.98
N GLY A 98 7.33 11.41 -6.25
CA GLY A 98 6.11 10.89 -6.79
C GLY A 98 4.89 11.61 -6.20
N VAL A 99 3.82 11.56 -6.97
CA VAL A 99 2.58 12.08 -6.56
C VAL A 99 1.56 11.08 -7.05
N LYS A 100 0.48 10.98 -6.25
CA LYS A 100 -0.57 10.01 -6.40
C LYS A 100 -1.91 10.70 -5.99
N GLY A 101 -3.01 10.33 -6.66
CA GLY A 101 -4.36 10.66 -6.21
C GLY A 101 -5.25 9.41 -6.34
N GLU A 102 -6.27 9.31 -5.48
CA GLU A 102 -7.29 8.33 -5.53
C GLU A 102 -8.63 9.03 -5.39
N ALA A 103 -9.57 8.59 -6.21
CA ALA A 103 -10.93 9.11 -6.19
C ALA A 103 -11.90 7.94 -6.00
N TYR A 104 -12.75 8.03 -4.96
CA TYR A 104 -13.92 7.13 -4.76
C TYR A 104 -15.13 7.95 -5.09
N LEU A 105 -15.94 7.42 -5.97
CA LEU A 105 -17.09 8.16 -6.46
C LEU A 105 -18.28 7.25 -6.35
N PRO A 106 -19.12 7.48 -5.35
CA PRO A 106 -20.45 6.83 -5.26
C PRO A 106 -21.31 7.12 -6.50
N THR A 107 -22.08 6.14 -6.94
CA THR A 107 -22.99 6.27 -8.02
C THR A 107 -24.32 5.56 -7.70
N PRO A 108 -25.33 5.75 -8.54
CA PRO A 108 -26.58 5.05 -8.29
C PRO A 108 -26.43 3.53 -8.35
N TYR A 109 -25.35 3.02 -8.98
CA TYR A 109 -25.07 1.58 -9.07
C TYR A 109 -24.06 1.18 -8.01
N LEU A 110 -22.79 1.02 -8.40
CA LEU A 110 -21.77 0.64 -7.48
C LEU A 110 -20.92 1.87 -7.24
N PRO A 111 -20.20 1.91 -6.09
CA PRO A 111 -19.16 2.92 -5.91
C PRO A 111 -18.07 2.64 -6.92
N VAL A 112 -17.58 3.69 -7.53
CA VAL A 112 -16.55 3.62 -8.56
C VAL A 112 -15.24 4.27 -7.98
N TYR A 113 -14.12 4.00 -8.59
CA TYR A 113 -12.84 4.30 -8.05
C TYR A 113 -11.89 4.54 -9.21
N ALA A 114 -11.05 5.58 -9.09
CA ALA A 114 -10.00 5.83 -10.06
C ALA A 114 -8.73 6.27 -9.37
N SER A 115 -7.57 5.93 -9.95
CA SER A 115 -6.31 6.38 -9.40
C SER A 115 -5.37 6.79 -10.47
N ALA A 116 -4.48 7.69 -10.09
CA ALA A 116 -3.45 8.24 -10.96
C ALA A 116 -2.17 8.50 -10.12
N SER A 117 -1.02 8.15 -10.70
CA SER A 117 0.25 8.44 -10.09
C SER A 117 1.33 8.63 -11.11
N TYR A 118 2.35 9.35 -10.61
CA TYR A 118 3.49 9.77 -11.39
C TYR A 118 4.72 9.78 -10.48
N ASN A 119 5.85 9.29 -11.01
CA ASN A 119 7.12 9.19 -10.30
C ASN A 119 8.19 9.58 -11.23
N HIS A 120 9.13 10.31 -10.69
CA HIS A 120 10.22 10.83 -11.45
C HIS A 120 11.46 10.47 -10.66
N THR A 121 12.49 9.97 -11.32
CA THR A 121 13.67 9.38 -10.69
C THR A 121 14.91 9.95 -11.32
N ILE A 122 15.90 10.30 -10.48
CA ILE A 122 17.15 10.90 -10.91
C ILE A 122 18.37 9.95 -10.82
N GLY A 134 14.11 8.53 -16.08
CA GLY A 134 13.13 7.73 -15.34
C GLY A 134 11.83 8.47 -14.98
N ASP A 135 10.79 8.33 -15.81
CA ASP A 135 9.45 8.89 -15.57
C ASP A 135 8.43 7.77 -15.79
N ARG A 136 7.72 7.38 -14.73
CA ARG A 136 6.68 6.38 -14.82
C ARG A 136 5.35 6.96 -14.37
N TYR A 137 4.27 6.49 -15.00
CA TYR A 137 2.94 6.81 -14.53
C TYR A 137 2.03 5.60 -14.56
N ALA A 138 0.96 5.70 -13.77
CA ALA A 138 -0.07 4.69 -13.70
C ALA A 138 -1.40 5.36 -13.52
N LEU A 139 -2.40 4.73 -14.16
CA LEU A 139 -3.82 5.03 -13.96
C LEU A 139 -4.58 3.72 -13.72
N GLU A 140 -5.66 3.78 -12.92
CA GLU A 140 -6.52 2.67 -12.67
C GLU A 140 -7.91 3.20 -12.59
N ALA A 141 -8.83 2.31 -12.95
CA ALA A 141 -10.24 2.54 -12.73
C ALA A 141 -10.78 1.24 -12.19
N GLY A 142 -11.75 1.32 -11.29
CA GLY A 142 -12.46 0.17 -10.94
C GLY A 142 -13.69 0.36 -10.13
N ALA A 143 -14.12 -0.69 -9.43
CA ALA A 143 -15.37 -0.58 -8.71
C ALA A 143 -15.32 -1.37 -7.40
N MET A 144 -16.14 -0.96 -6.43
CA MET A 144 -16.42 -1.73 -5.24
C MET A 144 -17.60 -2.68 -5.50
N LEU A 145 -17.24 -3.88 -5.89
CA LEU A 145 -18.23 -4.87 -6.25
C LEU A 145 -19.06 -5.30 -5.04
N LEU A 146 -18.55 -5.20 -3.84
CA LEU A 146 -19.32 -5.45 -2.64
C LEU A 146 -18.73 -4.43 -1.71
N PRO A 147 -19.44 -4.10 -0.64
CA PRO A 147 -18.83 -3.15 0.27
C PRO A 147 -17.45 -3.64 0.76
N ASN A 148 -16.49 -2.73 0.86
CA ASN A 148 -15.08 -2.99 1.19
C ASN A 148 -14.30 -3.92 0.27
N PHE A 149 -14.86 -4.20 -0.92
CA PHE A 149 -14.15 -5.00 -1.88
C PHE A 149 -13.95 -4.22 -3.15
N LEU A 150 -12.69 -3.88 -3.40
CA LEU A 150 -12.33 -3.12 -4.54
C LEU A 150 -11.66 -4.00 -5.59
N VAL A 151 -12.17 -3.89 -6.82
CA VAL A 151 -11.46 -4.38 -7.97
C VAL A 151 -11.12 -3.22 -8.93
N ALA A 152 -9.87 -3.21 -9.41
CA ALA A 152 -9.35 -2.13 -10.26
C ALA A 152 -8.41 -2.65 -11.34
N VAL A 153 -8.61 -2.15 -12.57
CA VAL A 153 -7.75 -2.50 -13.66
C VAL A 153 -7.12 -1.20 -14.16
N GLY A 154 -5.94 -1.28 -14.73
CA GLY A 154 -5.34 -0.06 -15.23
C GLY A 154 -4.20 -0.31 -16.14
N TYR A 155 -3.31 0.66 -16.22
CA TYR A 155 -2.07 0.44 -16.94
C TYR A 155 -1.00 1.40 -16.50
N THR A 156 0.24 1.08 -16.87
CA THR A 156 1.37 1.87 -16.50
C THR A 156 2.37 1.86 -17.61
N SER A 157 3.29 2.83 -17.57
CA SER A 157 4.16 3.08 -18.72
C SER A 157 5.33 3.99 -18.33
N VAL A 158 6.30 4.10 -19.23
CA VAL A 158 7.40 5.10 -19.15
C VAL A 158 6.91 6.47 -19.65
N ASP A 189 5.52 -0.53 -20.76
CA ASP A 189 4.08 -0.62 -20.90
C ASP A 189 3.48 -1.88 -20.20
N ALA A 190 2.39 -1.72 -19.46
CA ALA A 190 1.73 -2.87 -18.86
C ALA A 190 0.28 -2.59 -18.43
N VAL A 191 -0.55 -3.62 -18.50
CA VAL A 191 -1.89 -3.56 -17.98
C VAL A 191 -1.78 -4.06 -16.56
N THR A 192 -2.59 -3.53 -15.66
CA THR A 192 -2.57 -4.03 -14.30
C THR A 192 -3.92 -4.36 -13.83
N ALA A 193 -3.96 -5.20 -12.80
CA ALA A 193 -5.22 -5.55 -12.18
C ALA A 193 -4.95 -5.67 -10.75
N ARG A 194 -5.91 -5.25 -9.95
CA ARG A 194 -5.79 -5.53 -8.55
C ARG A 194 -7.08 -5.55 -7.76
N THR A 195 -6.97 -6.19 -6.60
CA THR A 195 -8.10 -6.27 -5.71
C THR A 195 -7.70 -5.95 -4.32
N LYS A 196 -8.63 -5.43 -3.54
CA LYS A 196 -8.44 -5.18 -2.16
C LYS A 196 -9.66 -5.47 -1.31
N TYR A 197 -9.43 -6.14 -0.17
CA TYR A 197 -10.56 -6.39 0.75
C TYR A 197 -10.18 -6.09 2.15
N VAL A 198 -11.15 -5.63 2.93
CA VAL A 198 -10.96 -5.47 4.38
C VAL A 198 -12.27 -5.76 5.03
N GLY A 199 -12.30 -6.78 5.86
CA GLY A 199 -13.47 -7.08 6.64
C GLY A 199 -13.20 -7.33 8.12
N ASN A 200 -14.18 -6.96 8.91
CA ASN A 200 -14.24 -7.30 10.34
C ASN A 200 -14.66 -8.72 10.47
N ILE A 201 -14.07 -9.47 11.40
CA ILE A 201 -14.62 -10.81 11.63
C ILE A 201 -15.76 -10.71 12.67
N ASP A 202 -16.95 -11.15 12.25
CA ASP A 202 -18.18 -10.93 13.01
C ASP A 202 -18.07 -11.46 14.45
N GLY A 203 -18.58 -10.70 15.39
CA GLY A 203 -18.47 -11.06 16.79
C GLY A 203 -17.11 -10.84 17.46
N THR A 204 -16.18 -10.10 16.84
CA THR A 204 -14.94 -9.74 17.54
C THR A 204 -14.36 -8.37 17.11
N ASN A 205 -13.23 -8.03 17.73
CA ASN A 205 -12.45 -6.85 17.39
C ASN A 205 -11.31 -7.20 16.43
N MET A 206 -11.36 -8.35 15.78
CA MET A 206 -10.32 -8.71 14.82
C MET A 206 -10.79 -8.37 13.42
N ALA A 207 -9.88 -8.42 12.48
CA ALA A 207 -10.22 -8.19 11.13
C ALA A 207 -9.12 -8.76 10.27
N ILE A 208 -9.40 -8.75 8.97
CA ILE A 208 -8.49 -9.27 7.99
C ILE A 208 -8.47 -8.43 6.74
N GLY A 209 -7.31 -8.31 6.13
CA GLY A 209 -7.16 -7.59 4.87
C GLY A 209 -6.36 -8.36 3.85
N PHE A 210 -6.81 -8.30 2.59
CA PHE A 210 -6.13 -8.99 1.52
C PHE A 210 -5.98 -8.01 0.41
N GLU A 211 -4.84 -8.15 -0.27
CA GLU A 211 -4.54 -7.40 -1.52
C GLU A 211 -3.78 -8.32 -2.48
N ALA A 212 -4.17 -8.25 -3.74
CA ALA A 212 -3.57 -9.05 -4.80
C ALA A 212 -3.38 -8.15 -6.01
N PHE A 213 -2.37 -8.48 -6.80
CA PHE A 213 -1.82 -7.58 -7.83
C PHE A 213 -1.32 -8.44 -8.92
N GLY A 214 -1.73 -8.10 -10.13
CA GLY A 214 -1.16 -8.66 -11.34
C GLY A 214 -0.71 -7.57 -12.30
N VAL A 215 0.45 -7.79 -12.91
CA VAL A 215 1.04 -6.91 -13.89
C VAL A 215 1.30 -7.75 -15.11
N PHE A 216 0.68 -7.36 -16.22
CA PHE A 216 0.62 -8.18 -17.44
C PHE A 216 1.31 -7.45 -18.59
N ALA A 217 2.40 -8.03 -19.09
CA ALA A 217 3.28 -7.38 -20.06
C ALA A 217 3.74 -8.47 -20.97
N GLU A 218 4.99 -8.45 -21.39
CA GLU A 218 5.58 -9.53 -22.20
C GLU A 218 5.46 -10.86 -21.43
N ASP A 219 5.88 -10.82 -20.17
CA ASP A 219 5.59 -11.87 -19.21
C ASP A 219 4.80 -11.24 -18.05
N ASN A 220 4.44 -12.02 -17.04
CA ASN A 220 3.54 -11.54 -16.00
C ASN A 220 4.20 -11.57 -14.65
N ALA A 221 3.80 -10.68 -13.77
CA ALA A 221 4.23 -10.74 -12.42
C ALA A 221 3.00 -10.66 -11.54
N TYR A 222 3.05 -11.29 -10.39
CA TYR A 222 1.92 -11.35 -9.49
C TYR A 222 2.35 -11.18 -8.09
N GLY A 223 1.43 -10.72 -7.28
CA GLY A 223 1.74 -10.58 -5.86
C GLY A 223 0.53 -10.64 -4.95
N MET A 224 0.73 -11.05 -3.70
CA MET A 224 -0.33 -10.91 -2.69
C MET A 224 0.20 -10.60 -1.29
N LYS A 225 -0.68 -9.98 -0.52
CA LYS A 225 -0.38 -9.60 0.85
C LYS A 225 -1.57 -9.99 1.70
N THR A 226 -1.34 -10.42 2.93
CA THR A 226 -2.45 -10.64 3.83
C THR A 226 -2.15 -9.97 5.14
N ASP A 227 -3.16 -9.38 5.77
CA ASP A 227 -2.93 -8.75 7.09
C ASP A 227 -3.93 -9.27 8.07
N LEU A 228 -3.46 -9.74 9.22
CA LEU A 228 -4.34 -10.18 10.30
C LEU A 228 -4.34 -9.08 11.37
N PHE A 229 -5.49 -8.45 11.52
CA PHE A 229 -5.74 -7.43 12.51
C PHE A 229 -6.13 -8.08 13.79
N VAL A 230 -5.12 -8.52 14.54
CA VAL A 230 -5.45 -9.32 15.69
C VAL A 230 -6.13 -8.47 16.76
N THR A 231 -5.89 -7.17 16.75
CA THR A 231 -6.78 -6.21 17.36
C THR A 231 -6.85 -5.09 16.36
N PRO A 232 -7.66 -4.06 16.61
CA PRO A 232 -7.77 -2.92 15.70
C PRO A 232 -6.44 -2.10 15.55
N LYS A 233 -5.56 -2.27 16.54
CA LYS A 233 -4.28 -1.53 16.53
C LYS A 233 -3.13 -2.37 16.11
N LEU A 234 -3.29 -3.69 16.16
CA LEU A 234 -2.15 -4.51 15.95
C LEU A 234 -2.31 -5.42 14.76
N SER A 235 -1.36 -5.38 13.86
CA SER A 235 -1.52 -6.31 12.72
C SER A 235 -0.25 -7.03 12.44
N VAL A 236 -0.40 -8.23 11.94
CA VAL A 236 0.73 -8.98 11.52
C VAL A 236 0.39 -9.54 10.21
N GLY A 237 1.36 -9.59 9.32
CA GLY A 237 1.02 -9.95 7.92
C GLY A 237 2.15 -10.55 7.12
N ALA A 238 1.80 -11.00 5.93
CA ALA A 238 2.74 -11.65 5.07
C ALA A 238 2.45 -11.35 3.63
N SER A 239 3.43 -11.59 2.77
CA SER A 239 3.31 -11.22 1.38
C SER A 239 4.25 -12.02 0.53
N PHE A 240 3.92 -12.06 -0.74
CA PHE A 240 4.57 -12.97 -1.65
C PHE A 240 4.46 -12.32 -2.98
N ALA A 241 5.48 -12.52 -3.81
CA ALA A 241 5.39 -12.00 -5.15
C ALA A 241 6.31 -12.77 -6.09
N ASP A 242 5.88 -12.89 -7.31
CA ASP A 242 6.66 -13.55 -8.34
C ASP A 242 7.02 -12.43 -9.32
N VAL A 243 8.32 -12.31 -9.55
CA VAL A 243 8.84 -11.18 -10.29
C VAL A 243 9.86 -11.56 -11.37
N SER A 244 10.05 -12.84 -11.68
CA SER A 244 10.92 -13.24 -12.82
C SER A 244 10.87 -12.22 -14.00
N ALA A 245 9.69 -11.68 -14.27
CA ALA A 245 9.42 -10.82 -15.43
C ALA A 245 9.65 -9.32 -15.22
N PHE A 246 10.22 -8.93 -14.09
CA PHE A 246 10.60 -7.52 -13.85
C PHE A 246 12.03 -7.25 -14.33
N ASN A 247 12.74 -8.30 -14.72
CA ASN A 247 14.02 -8.22 -15.43
C ASN A 247 15.25 -7.84 -14.59
N SER A 248 15.10 -7.74 -13.28
CA SER A 248 16.23 -8.06 -12.40
C SER A 248 16.39 -9.58 -12.51
N GLY A 249 17.43 -10.13 -11.90
CA GLY A 249 17.65 -11.58 -11.93
C GLY A 249 16.68 -12.32 -11.02
N TYR A 250 16.01 -11.58 -10.12
CA TYR A 250 15.22 -12.18 -9.03
C TYR A 250 13.90 -12.84 -9.49
N ASP A 251 13.62 -14.00 -8.91
CA ASP A 251 12.41 -14.77 -9.19
C ASP A 251 11.30 -14.57 -8.12
N HIS A 252 11.56 -14.85 -6.86
CA HIS A 252 10.49 -14.84 -5.84
C HIS A 252 10.81 -13.90 -4.67
N VAL A 253 9.77 -13.25 -4.16
CA VAL A 253 9.86 -12.38 -2.98
C VAL A 253 8.81 -12.75 -1.93
N TRP A 254 9.23 -12.88 -0.68
CA TRP A 254 8.31 -13.09 0.42
C TRP A 254 8.69 -12.21 1.64
N GLY A 255 7.69 -11.83 2.40
CA GLY A 255 7.88 -11.00 3.53
C GLY A 255 6.93 -11.17 4.68
N GLY A 256 7.36 -10.70 5.85
CA GLY A 256 6.48 -10.55 6.95
C GLY A 256 6.51 -9.14 7.40
N HIS A 257 5.44 -8.70 8.00
CA HIS A 257 5.22 -7.29 8.28
C HIS A 257 4.44 -7.18 9.57
N THR A 258 4.71 -6.14 10.31
CA THR A 258 4.08 -5.94 11.56
C THR A 258 3.76 -4.48 11.66
N GLN A 259 2.63 -4.15 12.29
CA GLN A 259 2.37 -2.80 12.58
C GLN A 259 1.54 -2.60 13.83
N TYR A 260 1.89 -1.58 14.64
CA TYR A 260 1.15 -1.34 15.87
C TYR A 260 0.89 0.12 16.09
N PHE A 261 -0.37 0.46 16.35
CA PHE A 261 -0.74 1.83 16.67
C PHE A 261 -0.64 2.01 18.16
N ILE A 262 0.36 2.75 18.61
CA ILE A 262 0.57 3.04 20.04
C ILE A 262 -0.59 3.93 20.51
N THR A 263 -0.97 4.88 19.67
CA THR A 263 -2.21 5.64 19.82
C THR A 263 -2.76 5.69 18.43
N PRO A 264 -4.00 6.12 18.30
CA PRO A 264 -4.57 6.25 16.95
C PRO A 264 -3.76 7.24 16.06
N ALA A 265 -2.99 8.13 16.71
CA ALA A 265 -2.13 9.11 16.02
C ALA A 265 -0.74 8.59 15.61
N VAL A 266 -0.27 7.58 16.30
CA VAL A 266 1.07 7.14 16.07
C VAL A 266 1.16 5.64 15.91
N ALA A 267 1.73 5.22 14.79
CA ALA A 267 1.98 3.80 14.55
C ALA A 267 3.46 3.54 14.21
N VAL A 268 3.99 2.40 14.62
CA VAL A 268 5.30 1.99 14.15
C VAL A 268 5.20 0.59 13.64
N GLY A 269 6.22 0.21 12.87
CA GLY A 269 6.21 -1.03 12.19
C GLY A 269 7.51 -1.54 11.69
N ALA A 270 7.46 -2.79 11.25
CA ALA A 270 8.63 -3.51 10.87
C ALA A 270 8.38 -4.39 9.69
N ASP A 271 9.41 -4.59 8.87
CA ASP A 271 9.25 -5.43 7.65
C ASP A 271 10.50 -6.26 7.45
N PHE A 272 10.30 -7.53 7.10
CA PHE A 272 11.40 -8.39 6.80
C PHE A 272 11.06 -9.04 5.47
N VAL A 273 11.96 -8.92 4.49
CA VAL A 273 11.66 -9.30 3.09
C VAL A 273 12.81 -10.04 2.50
N LYS A 274 12.56 -11.22 1.98
CA LYS A 274 13.61 -11.99 1.39
C LYS A 274 13.34 -12.08 -0.07
N ALA A 275 14.39 -12.18 -0.89
CA ALA A 275 14.20 -12.44 -2.33
C ALA A 275 15.23 -13.38 -2.82
N ASN A 276 14.89 -14.21 -3.79
CA ASN A 276 15.87 -15.11 -4.40
C ASN A 276 15.81 -15.20 -5.93
N ALA A 277 16.82 -15.90 -6.49
CA ALA A 277 16.93 -16.28 -7.92
C ALA A 277 17.52 -17.68 -8.08
N ASP A 284 19.61 -15.29 -1.97
CA ASP A 284 20.44 -14.09 -1.94
C ASP A 284 19.92 -13.08 -0.93
N THR A 285 18.93 -12.31 -1.32
CA THR A 285 18.76 -10.98 -0.73
C THR A 285 17.75 -10.85 0.41
N GLN A 286 18.07 -10.01 1.38
CA GLN A 286 17.19 -9.74 2.54
C GLN A 286 17.10 -8.26 2.81
N THR A 287 15.94 -7.85 3.28
CA THR A 287 15.60 -6.47 3.57
C THR A 287 14.94 -6.41 4.94
N ILE A 288 15.58 -5.70 5.87
CA ILE A 288 15.00 -5.41 7.16
C ILE A 288 14.56 -3.93 7.11
N GLY A 289 13.44 -3.63 7.73
CA GLY A 289 12.83 -2.34 7.62
C GLY A 289 12.01 -1.96 8.84
N LEU A 290 12.07 -0.68 9.19
CA LEU A 290 11.25 -0.09 10.19
C LEU A 290 10.52 1.10 9.60
N ASN A 291 9.33 1.32 10.09
CA ASN A 291 8.54 2.39 9.65
C ASN A 291 7.69 3.02 10.79
N ALA A 292 7.18 4.22 10.49
CA ALA A 292 6.41 4.95 11.47
C ALA A 292 5.43 5.86 10.79
N LYS A 293 4.33 6.16 11.49
CA LYS A 293 3.36 7.04 10.90
C LYS A 293 2.58 7.87 11.91
N PHE A 294 2.24 9.10 11.50
CA PHE A 294 1.60 10.06 12.34
C PHE A 294 0.37 10.55 11.61
N ARG A 295 -0.69 10.65 12.38
CA ARG A 295 -1.90 11.11 11.87
C ARG A 295 -2.34 12.33 12.60
N PHE A 296 -2.94 13.24 11.82
CA PHE A 296 -3.51 14.46 12.36
C PHE A 296 -4.57 15.07 11.40
#